data_1JZY
#
_entry.id   1JZY
#
_cell.length_a   169.200
_cell.length_b   410.000
_cell.length_c   695.000
_cell.angle_alpha   90.00
_cell.angle_beta   90.00
_cell.angle_gamma   90.00
#
_symmetry.space_group_name_H-M   'I 2 2 2'
#
loop_
_entity.id
_entity.type
_entity.pdbx_description
1 polymer '23S rRNA'
2 polymer 'Ribosomal Protein L4'
3 polymer 'Ribosomal Protein L22'
4 polymer 'Ribosomal Protein L32'
5 non-polymer 'ERYTHROMYCIN A'
6 non-polymer 'MAGNESIUM ION'
#
loop_
_entity_poly.entity_id
_entity_poly.type
_entity_poly.pdbx_seq_one_letter_code
_entity_poly.pdbx_strand_id
1 'polyribonucleotide'
;GGUCAAGAUAGUAAGGGUCCACGGUGGAUGCCCUGGCGCUGGAGCCGAUGAAGGACGCGAUUACCUGCGAAAAGCCCCGA
CGAGCUGGAGAUACGCUUUGACUCGGGGAUGUCCGAAUGGGGAAACCCACCUCGUAAGAGGUAUCCGCAAGGAUGGGAAC
UCAGGGAACUGAAACAUCUCAGUACCUGAAGGAGAAGAAAGAGAAUUCGAUUCCGUUAGUAGCGGCGAGCGAACCCGGAU
CAGCCCAAACCGAAACGCUUGCGUUUCGGGGUUGUAGGACCAGUUUUUAAGAUUCAACCCCUCAAGCCGAAGUGGCUGGA
AAGCUACACCUCAGAAGGUGAGAGUCCUGUAGGCGAACGAGCGGUUGACUGUACUGGCACCUGAGUAGGUCGUUGUUCGU
GAAACGAUGACUGAAUCCGCGCGGACCACCGCGCAAGGCUAAAUACUCCCAGUGACCGAUAGCGCAUAGUACCGUGAGGG
AAAGGUGAAAAGAACCCCGGGAGGGGAGUGAAAGAGAACCUGAAACCGUGGACUUACAAGCAGUCAUGGCACCUUAUGCG
UGUUAUGGCGUGCCUAUUGAAGCAUGAGCCGGCGACUUAGACCUGACGUGCGAGCUUAAGUUGAAAAACGGAGGCGGAGC
GAAAGCGAGUCCGAAUAGGGCGGCAUUAGUACGUCGGGCUAGACUCGAAACCAGGUGAGCUAAGCAUGACCAGGUUGAAA
CCCCCGUGACAGGGGGCGGAGGACCGAACCGGUGCCUGCUGAAACAGUCUCGGAUGAGUUGUGUUUAGGAGUGAAAAGCU
AACCGAACCUGGAGAUAGCUAGUUCUCCCCGAAAUGUAUUGAGGUACAGCCUCGGAUGUUGACCAUGUCCUGUAGAGCAC
UCACAAGGCUAGGGGGCCUACCAGCUUACCAAACCUUAUGAAACUCCGAAGGGGCACGCGUUUAGUCCGGGAGUGAGGCU
GCGAGAGCUAACUUCCGUAGCCGAGAGGGAAACAACCCAGACCAUCAGCUAAGGUCCCUAAAUGAUCGCUCAGUGGUUAA
GGAUGUGUCGUCGCAUAGACAGCCAGGAGGUUGGCUUAGAAGCAGCCACCCUUCAAAGAGUGCGUAAUAGCUCACUGGUC
GAGUGACGAUGCGCCGAAAAUGAUCGGGGCUCAAGUGAUCUACCGAAGCUAUGGAUUCAACUCGCGAAGCGAGUUGUCUG
GUAGGGGAGCGUUCAGUCCGCGGAGAAGCCAUACCGGAAGGAGUGGUGGAGCCGACUGAAGUGCGGAUGCCGGCAUGAGU
AACGAUAAAAGAAGUGAGAAUCUUCUUCGCCGUAAGGACAAGGGUUCCUGGGGAAGGGUCGUCCGCCCAGGGAAAGUCGG
GACCUAAGGUGAGGCCGAACGGCGCAGCCGAUGGACAGCAGGUCAAGAUUCCUGCACCGAUCAUGUGGAGUGAUGGAGGG
ACGCAUUACGCUAUCCAAUGCCAAGCUAUGGCUAUGCUGGUUGGUACGCUCAAGGGCGAUCGGGUCAGAAAAUCUACCGG
UCACAUGCCUCAGACGUAUCGGGAGCUUCCUCGGAAGCGAAGUUGGAAACGCGACGGUGCCAAGAAAAGCUUCUAAACGU
UGAAACAUGAUUGCCCGUACCGCAAACCGACACAGGUGUCCGAGUGUCAAUGCACUAAGGCGCGCGAGAGAACCCUCGUU
AAGGAACUUUGCAAUCUCACCCCGUAACUUCGGAAGAAGGGGUCCCCACGCUUCGCGUGGGGCGCAGUGAAUAGGCCCAG
GCGACUGUUUACCAAAAUCACAGCACUCUGCCAACACGAACAGUGGACGUAUAGGGUGUGACGCCUGCCCGGUGCCGGAA
GGUCAAGUGGAGCGGUGCAAGCUGCGAAAUGAAGCCCCGGUGAACGGCGGCCGUAACUAUAACGGUCCUAAGGUAGCGAA
AUUCCUUGUCGGGUAAGUUCCGACCUGCACGAAAGGCGUAACGAUCUGGGCGCUGUCUCAACGAGGGACUCGGUGAAAUU
GAAUUGGCUGUAAAGAUGCGGCCUACCCGUAGCAGGACGAAAAGACCCCGUGGAGCUUUACUAUAGUCUGGCAUUGGGAU
UCGGGUUUCUCUGCGUAGGAUAGGUGGGAGCCUGCGAAACUGGCCUUUUGGGGUCGGUGGAGGCAACGGUGAAAUACCAC
CCUGAGAAACUUGGAUUUCUAACCUGAAAAAUCACUUUCGGGGACCGUGCUUGGCGGGUAGUUUGACUGGGGCGGUCGCC
UCCCAAAAUGUAACGGAGGCGCCCAAAGGUCACCUCAAGACGGUUGGAAAUCGUCUGUAGAGCGCAAAGGUAGAAGGUGG
CUUGACUGCGAGACUGACACGUCGAGCAGGGAGGAAACUCGGGCUUAGUGAACCGGUGGUACCGUGUGGAAGGGCCAUCG
AUCAACGGAUAAAAGUUACCCCGGGGAUAACAGGCUGAUCUCCCCCGAGAGUCCAUAUCGGCGGGGAGGUUUGGCACCUC
GAUGUCGGCUCGUCGCAUCCUGGGGCUGAAGAAGGUCCCAAGGGUUGGGCUGUUCGCCCAUUAAAGCGGCACGCGAGCUG
GGUUCAGAACGUCGUGAGACAGUUCGGUCUCUAUCCGCUACGGGCGCAGGAGAAUUGAGGGGAGUUGCUCCUAGUACGAG
AGGACCGGAGUGAACGGACCGCUGGUCUCCCUGCUGUCGUACCAACGGCACAUGCAGGGUAGCUAUGUCCGGAACGGAUA
ACCGCUGAAAGCAUCUAAGCGGGAAGCCAGCCCCAAGAUGAGUUCUCCCACUGUUUAUCAGGUAAGACUCCCGGAAGACC
ACCGGGUUAAGAGGCCAGGCGUGCACGCAUAGCAAUGUGUUCAGCGGACUGGUGCUCAUCAGUCGAGGUCUUGACCACUC
;
A
2 'polypeptide(L)'
;MAQINVIGQNGGRTIELPLPEVNSGVLHEVVTWQLASRRRGTASTRTRAQVSKTGRKMYGQKGTGNARHGDRSVPTFVGG
GVAFGPKPRSYDYTLPRQVRQLGLAMAIASRQEGGKLVAVDGFDIADAKTKNFISWAKQNGLDGTEKVLLVTDDENTRRA
ARNVSWVSVLPVAGVNVYDILRHDRLVIDAAALEIVEEEAGEEQQ
;
K
3 'polypeptide(L)'
;MTAPEQTFRNKKQRKQQVKLRKPGFAVAKYVRMSPRKVRLVVDVIRGKSVQDAEDLLRFIPRSASEPVAKVLNSAKANAL
HNDEMLEDRLFVKEAYVDAGPTLKRLIPRARGSANIIKKRTSHITIIVAEKGNK
;
L
4 'polypeptide(L)' MAKHPVPKKKTSKSKRDMRRSHHALTAPNLTECPQCHGKKLSHHICPNCGYYDGRQVLAV M
#
# COMPACT_ATOMS: atom_id res chain seq x y z
CA ALA B 2 -52.51 18.99 7.77
CA GLN B 3 -50.09 21.92 7.95
CA ILE B 4 -50.53 25.51 6.73
CA ASN B 5 -48.96 27.35 3.77
CA VAL B 6 -46.79 30.44 4.31
CA ILE B 7 -46.81 33.49 2.06
CA GLY B 8 -49.76 34.27 -0.19
CA GLN B 9 -52.82 32.30 0.91
CA ASN B 10 -53.12 30.70 4.36
CA GLY B 11 -55.13 27.50 4.12
CA GLY B 12 -54.02 24.11 5.41
CA ARG B 13 -56.30 21.16 4.57
CA THR B 14 -57.26 18.85 1.64
CA ILE B 15 -54.92 15.86 1.29
CA GLU B 16 -56.00 12.29 0.60
CA LEU B 17 -52.28 11.75 1.20
CA PRO B 18 -52.01 8.31 2.86
CA LEU B 19 -51.90 8.61 6.64
CA PRO B 20 -51.24 5.03 7.77
CA GLU B 21 -48.83 4.71 10.68
CA VAL B 22 -45.61 5.43 8.76
CA ASN B 23 -44.65 1.94 7.64
CA SER B 24 -41.06 1.08 6.77
CA GLY B 25 -41.04 -1.67 4.16
CA VAL B 26 -43.59 -0.06 1.85
CA LEU B 27 -41.63 3.20 2.06
CA HIS B 28 -38.16 1.67 1.71
CA GLU B 29 -39.15 -0.95 -0.87
CA VAL B 30 -39.45 2.09 -3.15
CA VAL B 31 -36.19 3.66 -1.98
CA THR B 32 -34.35 0.40 -2.55
CA TRP B 33 -36.09 0.36 -5.94
CA GLN B 34 -35.24 3.89 -7.06
CA LEU B 35 -31.58 3.27 -6.24
CA ALA B 36 -31.63 -0.23 -7.75
CA SER B 37 -33.17 1.32 -10.87
CA ARG B 38 -30.94 4.39 -10.76
CA ARG B 39 -27.98 2.07 -11.25
CA ARG B 40 -26.26 1.66 -14.62
CA GLY B 41 -24.99 -1.75 -15.65
CA THR B 42 -21.51 -0.83 -16.83
CA ALA B 43 -18.48 -3.01 -16.04
CA SER B 44 -15.49 -4.37 -17.96
CA THR B 45 -14.84 -7.74 -16.29
CA ARG B 46 -13.31 -10.25 -18.68
CA THR B 47 -15.61 -13.02 -17.50
CA ARG B 48 -15.02 -13.87 -21.14
CA ALA B 49 -11.49 -14.82 -20.11
CA GLN B 50 -11.71 -17.63 -22.64
CA VAL B 51 -12.48 -14.92 -25.19
CA SER B 52 -9.73 -12.39 -24.46
CA LYS B 53 -7.11 -12.56 -27.25
CA THR B 54 -4.22 -14.69 -26.00
CA GLY B 55 -3.40 -18.31 -26.83
CA ARG B 56 -5.42 -21.49 -27.27
CA LYS B 57 -3.24 -24.55 -27.90
CA MET B 58 -0.53 -24.82 -25.23
CA TYR B 59 2.57 -27.02 -25.06
CA GLY B 60 2.48 -30.77 -24.44
CA GLN B 61 -0.34 -32.79 -22.88
CA LYS B 62 0.17 -36.31 -21.50
CA GLY B 63 3.75 -36.49 -20.25
CA THR B 64 5.30 -33.06 -20.66
CA GLY B 65 5.49 -30.40 -17.97
CA ASN B 66 3.31 -32.32 -15.52
CA ALA B 67 0.38 -29.93 -15.95
CA ARG B 68 -2.75 -30.47 -18.04
CA HIS B 69 -4.22 -27.12 -19.05
CA GLY B 70 -3.76 -26.00 -22.65
CA ASP B 71 -5.05 -22.41 -22.83
CA ARG B 72 -3.56 -19.13 -21.60
CA SER B 73 -7.11 -17.96 -20.83
CA VAL B 74 -7.83 -20.17 -17.81
CA PRO B 75 -9.23 -18.22 -14.82
CA THR B 76 -6.76 -20.31 -12.81
CA PHE B 77 -3.89 -18.61 -14.68
CA VAL B 78 -2.33 -15.16 -14.65
CA GLY B 79 -3.66 -12.33 -16.80
CA GLY B 80 -6.29 -14.22 -18.75
CA GLY B 81 -9.58 -13.06 -17.29
CA VAL B 82 -12.16 -13.90 -14.65
CA ALA B 83 -14.74 -16.66 -14.10
CA PHE B 84 -17.95 -15.01 -12.87
CA GLY B 85 -17.68 -11.23 -13.15
CA PRO B 86 -20.06 -8.21 -13.30
CA LYS B 87 -21.26 -8.91 -16.85
CA PRO B 88 -23.16 -5.92 -18.34
CA ARG B 89 -26.76 -6.00 -17.11
CA SER B 90 -29.73 -3.61 -17.15
CA TYR B 91 -31.45 -4.07 -13.77
CA ASP B 92 -34.99 -2.67 -13.74
CA TYR B 93 -37.46 -3.49 -10.95
CA THR B 94 -40.66 -1.89 -12.25
CA LEU B 95 -42.95 -1.87 -9.20
CA PRO B 96 -46.76 -1.32 -9.11
CA ARG B 97 -48.01 2.28 -9.22
CA GLN B 98 -49.76 1.82 -5.89
CA VAL B 99 -46.64 0.94 -3.89
CA ARG B 100 -45.00 3.89 -5.65
CA GLN B 101 -47.65 6.51 -4.89
CA LEU B 102 -48.62 4.84 -1.62
CA GLY B 103 -44.93 5.06 -0.80
CA LEU B 104 -44.14 8.47 -2.28
CA ALA B 105 -46.76 9.67 0.18
CA MET B 106 -45.34 7.75 3.16
CA ALA B 107 -42.57 10.36 3.07
CA ILE B 108 -44.73 13.47 2.82
CA ALA B 109 -46.73 11.89 5.64
CA SER B 110 -43.66 11.18 7.78
CA ARG B 111 -42.76 14.85 7.37
CA GLN B 112 -46.06 16.17 8.67
CA GLU B 113 -44.73 15.44 12.16
CA GLY B 114 -41.14 16.64 12.19
CA GLY B 115 -41.69 19.89 10.34
CA LYS B 116 -42.88 20.75 6.84
CA LEU B 117 -43.20 24.10 5.07
CA VAL B 118 -45.26 25.23 2.08
CA ALA B 119 -45.40 28.22 -0.27
CA VAL B 120 -48.45 28.99 -2.40
CA ASP B 121 -47.24 32.28 -3.88
CA GLY B 122 -43.99 32.62 -1.96
CA PHE B 123 -43.27 36.16 -3.12
CA ASP B 124 -39.86 37.17 -1.80
CA ILE B 125 -37.55 37.28 -4.83
CA ALA B 126 -35.16 40.11 -5.64
CA ASP B 127 -34.72 38.98 -9.24
CA ALA B 128 -32.66 35.96 -8.18
CA LYS B 129 -29.75 36.79 -5.87
CA THR B 130 -29.59 33.85 -3.45
CA LYS B 131 -29.95 36.46 -0.68
CA ASN B 132 -33.66 37.12 -0.19
CA PHE B 133 -33.94 33.35 -0.50
CA ILE B 134 -31.59 32.32 2.30
CA SER B 135 -32.83 35.14 4.53
CA TRP B 136 -36.43 33.96 4.16
CA ALA B 137 -35.20 30.85 5.97
CA LYS B 138 -34.86 32.75 9.23
CA GLN B 139 -38.53 33.70 9.00
CA ASN B 140 -39.54 30.09 9.64
CA GLY B 141 -37.17 27.60 11.23
CA LEU B 142 -34.29 27.03 8.84
CA ASP B 143 -31.36 27.86 11.11
CA GLY B 144 -28.48 25.76 9.81
CA THR B 145 -28.86 22.07 10.60
CA GLU B 146 -31.50 20.97 8.09
CA LYS B 147 -31.35 20.14 4.37
CA VAL B 148 -34.32 21.87 2.74
CA LEU B 149 -36.22 20.77 -0.38
CA LEU B 150 -38.20 23.69 -1.78
CA VAL B 151 -39.24 21.73 -4.88
CA THR B 152 -40.77 24.79 -6.51
CA ASP B 153 -41.74 25.18 -10.16
CA ASP B 154 -41.58 28.96 -10.52
CA GLU B 155 -38.59 29.66 -12.75
CA ASN B 156 -37.04 32.53 -10.79
CA THR B 157 -37.54 30.54 -7.55
CA ARG B 158 -35.22 27.94 -9.06
CA ARG B 159 -32.20 29.98 -10.18
CA ALA B 160 -31.65 31.71 -6.83
CA ALA B 161 -31.15 28.38 -5.09
CA ARG B 162 -27.85 26.49 -5.07
CA ASN B 163 -26.78 25.73 -1.50
CA VAL B 164 -25.39 22.26 -0.83
CA SER B 165 -26.02 22.12 2.91
CA TRP B 166 -29.27 24.01 2.40
CA VAL B 167 -31.07 24.14 -0.96
CA SER B 168 -31.76 21.35 -3.48
CA VAL B 169 -34.98 22.51 -5.15
CA LEU B 170 -36.24 20.06 -7.77
CA PRO B 171 -38.47 21.84 -10.36
CA VAL B 172 -41.06 20.35 -12.72
CA ALA B 173 -43.11 18.77 -9.91
CA GLY B 174 -41.08 15.63 -9.25
CA VAL B 175 -41.07 14.87 -5.53
CA ASN B 176 -40.57 11.16 -4.92
CA VAL B 177 -39.56 9.23 -1.80
CA TYR B 178 -35.76 9.07 -2.09
CA ASP B 179 -35.05 12.71 -2.92
CA ILE B 180 -37.44 13.72 -0.13
CA LEU B 181 -35.56 11.58 2.41
CA ARG B 182 -32.27 12.59 0.79
CA HIS B 183 -32.54 15.65 3.03
CA ASP B 184 -34.55 16.89 6.01
CA ARG B 185 -37.30 19.54 6.00
CA LEU B 186 -39.55 20.25 3.02
CA VAL B 187 -40.78 23.58 1.66
CA ILE B 188 -43.03 22.40 -1.17
CA ASP B 189 -44.43 25.29 -3.22
CA ALA B 190 -48.15 25.58 -3.99
CA ALA B 191 -49.99 22.25 -3.84
CA ALA B 192 -50.06 21.45 -7.56
CA LEU B 193 -50.10 17.74 -6.72
CA GLU B 194 -51.30 17.92 -3.10
CA ILE B 195 -54.57 19.85 -2.91
CA VAL B 196 -55.19 19.56 -6.65
CA GLU B 197 -56.37 15.94 -6.79
CA GLU B 198 -58.64 13.89 -9.05
CA GLU C 5 15.98 10.81 30.00
CA GLN C 6 15.41 12.88 26.87
CA THR C 7 11.73 13.86 26.77
CA PHE C 8 10.24 14.74 23.38
CA ARG C 9 6.93 15.56 21.71
CA ASN C 10 6.14 13.98 18.34
CA LYS C 11 7.74 11.34 16.13
CA LYS C 12 8.52 14.22 13.76
CA GLN C 13 10.17 16.53 16.31
CA ARG C 14 12.81 13.87 17.04
CA LYS C 15 13.66 13.76 13.34
CA GLN C 16 14.66 17.42 13.65
CA GLN C 17 17.00 17.63 16.65
CA VAL C 18 18.06 14.09 15.70
CA LYS C 19 19.53 13.20 12.30
CA LEU C 20 19.77 9.51 13.19
CA ARG C 21 23.32 8.77 12.04
CA LYS C 22 25.13 5.76 13.55
CA PRO C 23 28.96 6.20 13.57
CA GLY C 24 31.67 3.54 13.30
CA PHE C 25 29.94 1.60 10.53
CA ALA C 26 30.54 0.84 6.84
CA VAL C 27 29.08 -1.26 4.01
CA ALA C 28 30.13 -2.66 0.63
CA LYS C 29 26.87 -3.06 -1.28
CA TYR C 30 26.69 -4.79 -4.67
CA VAL C 31 29.57 -7.24 -4.20
CA ARG C 32 29.26 -9.93 -6.87
CA MET C 33 30.43 -12.57 -4.39
CA SER C 34 28.20 -15.19 -2.79
CA PRO C 35 27.18 -14.10 0.75
CA ARG C 36 28.10 -17.60 1.92
CA LYS C 37 31.78 -17.44 0.97
CA VAL C 38 32.28 -13.81 2.01
CA ARG C 39 30.51 -14.77 5.24
CA LEU C 40 33.48 -16.99 6.06
CA VAL C 41 36.24 -14.38 5.70
CA VAL C 42 34.13 -12.03 7.82
CA ASP C 43 33.61 -14.74 10.43
CA VAL C 44 37.24 -14.54 11.55
CA ILE C 45 37.26 -10.75 11.16
CA ARG C 46 34.87 -9.99 14.02
CA GLY C 47 36.64 -10.48 17.34
CA LYS C 48 39.29 -8.17 18.77
CA SER C 49 41.46 -5.27 17.54
CA VAL C 50 41.19 -3.92 13.99
CA GLN C 51 44.94 -4.37 13.53
CA ASP C 52 44.81 -8.13 14.04
CA ALA C 53 41.96 -7.91 11.53
CA GLU C 54 44.45 -6.47 9.04
CA ASP C 55 47.21 -9.05 9.42
CA LEU C 56 44.66 -11.86 9.16
CA LEU C 57 43.44 -10.63 5.77
CA ARG C 58 46.54 -9.59 3.81
CA PHE C 59 46.90 -13.31 3.15
CA ILE C 60 43.86 -15.61 3.33
CA PRO C 61 43.79 -17.52 0.00
CA ARG C 62 40.11 -16.57 -0.21
CA SER C 63 39.59 -13.86 -2.83
CA ALA C 64 36.99 -12.34 -0.51
CA SER C 65 39.72 -11.39 1.96
CA GLU C 66 40.32 -8.33 -0.23
CA PRO C 67 36.94 -6.69 -0.97
CA VAL C 68 36.00 -7.31 2.67
CA ALA C 69 39.30 -5.80 3.79
CA LYS C 70 38.82 -2.65 1.72
CA VAL C 71 35.75 -2.06 3.89
CA LEU C 72 37.58 -2.75 7.15
CA ASN C 73 39.97 0.16 6.63
CA SER C 74 36.93 2.15 5.51
CA ALA C 75 35.13 1.63 8.81
CA LYS C 76 38.44 2.16 10.61
CA ALA C 77 38.71 5.49 8.81
CA ASN C 78 35.27 6.83 9.73
CA ALA C 79 35.94 5.61 13.27
CA LEU C 80 38.96 7.89 13.67
CA HIS C 81 37.69 10.78 11.54
CA ASN C 82 33.90 11.18 11.61
CA ASP C 83 33.23 8.98 14.64
CA GLU C 84 36.27 10.57 16.33
CA MET C 85 37.92 7.60 18.06
CA LEU C 86 41.39 6.16 18.68
CA GLU C 87 42.78 3.32 16.56
CA ASP C 88 44.67 2.13 19.64
CA ARG C 89 41.32 0.88 20.92
CA LEU C 90 39.36 0.30 17.71
CA PHE C 91 38.39 -3.33 17.12
CA VAL C 92 35.73 -5.43 15.41
CA LYS C 93 32.45 -5.47 17.34
CA GLU C 94 30.04 -6.30 14.52
CA ALA C 95 30.73 -7.99 11.18
CA TYR C 96 27.93 -9.36 9.00
CA VAL C 97 27.11 -9.77 5.31
CA ASP C 98 23.56 -9.18 4.08
CA ALA C 99 22.69 -10.50 0.61
CA GLY C 100 22.76 -8.62 -2.68
CA PRO C 101 20.30 -9.12 -5.59
CA THR C 102 20.59 -11.88 -8.19
CA LEU C 103 21.76 -12.19 -11.80
CA LYS C 104 20.44 -14.07 -14.83
CA ARG C 105 22.72 -16.45 -16.77
CA LEU C 106 21.01 -19.19 -18.78
CA ILE C 107 23.76 -21.82 -18.88
CA PRO C 108 22.83 -24.10 -21.82
CA ARG C 109 22.60 -27.57 -20.30
CA ALA C 110 22.65 -30.87 -22.19
CA ARG C 111 19.68 -31.88 -24.36
CA GLY C 112 17.65 -28.69 -24.72
CA SER C 113 17.07 -28.36 -20.96
CA ALA C 114 17.73 -24.71 -20.18
CA ASN C 115 18.95 -23.42 -16.81
CA ILE C 116 19.66 -20.39 -14.62
CA ILE C 117 22.74 -19.41 -12.62
CA LYS C 118 22.43 -17.48 -9.36
CA LYS C 119 25.28 -14.96 -9.36
CA ARG C 120 24.43 -13.97 -5.79
CA THR C 121 25.72 -10.63 -4.56
CA SER C 122 26.60 -9.47 -1.04
CA HIS C 123 26.47 -6.44 1.27
CA ILE C 124 29.70 -6.71 3.25
CA THR C 125 29.04 -4.80 6.47
CA ILE C 126 31.31 -4.33 9.49
CA ILE C 127 31.19 -2.08 12.57
CA VAL C 128 34.34 -0.92 14.36
CA ALA C 129 34.66 1.13 17.55
CA GLU C 130 36.50 1.66 20.83
CA LYS C 131 36.05 -1.19 23.32
CA GLY C 132 37.19 -2.72 26.59
CA ASN C 133 35.73 -3.45 30.02
CA LYS C 134 35.72 0.34 30.41
CA ALA D 2 16.45 -38.67 -17.34
CA LYS D 3 18.12 -38.15 -13.96
CA HIS D 4 18.33 -40.98 -11.43
CA PRO D 5 19.97 -40.67 -7.98
CA VAL D 6 17.46 -38.18 -6.65
CA PRO D 7 16.84 -36.68 -3.20
CA LYS D 8 13.80 -37.38 -1.07
CA LYS D 9 14.03 -34.91 1.83
CA LYS D 10 14.99 -31.24 1.90
CA THR D 11 16.44 -30.46 5.29
CA SER D 12 16.61 -26.67 5.64
CA LYS D 13 18.75 -25.03 8.33
CA SER D 14 18.74 -28.13 10.54
CA LYS D 15 20.94 -30.54 8.55
CA ARG D 16 22.23 -27.81 6.21
CA ASP D 17 23.91 -25.97 9.08
CA MET D 18 25.26 -29.23 10.48
CA ARG D 19 27.31 -29.28 7.27
CA ARG D 20 28.48 -25.67 7.66
CA SER D 21 30.03 -26.27 11.10
CA HIS D 22 33.16 -27.73 9.55
CA HIS D 23 33.38 -25.06 6.85
CA ALA D 24 35.38 -22.81 9.21
CA LEU D 25 38.35 -20.73 8.02
CA THR D 26 41.50 -21.61 9.94
CA ALA D 27 43.12 -18.41 11.27
CA PRO D 28 46.52 -18.11 9.49
CA ASN D 29 48.92 -18.34 12.46
CA LEU D 30 51.14 -15.31 11.87
CA THR D 31 54.44 -14.22 13.42
CA GLU D 32 56.62 -11.13 13.76
CA CYS D 33 59.34 -10.45 11.20
CA PRO D 34 63.04 -9.85 12.05
CA GLN D 35 64.20 -6.23 11.69
CA CYS D 36 60.79 -5.88 10.09
CA HIS D 37 57.36 -5.83 11.76
CA GLY D 38 53.96 -7.43 11.19
CA LYS D 39 52.62 -9.67 8.41
CA LYS D 40 54.55 -12.95 8.39
CA LEU D 41 53.03 -16.23 7.29
CA SER D 42 55.54 -18.51 8.98
CA HIS D 43 58.04 -20.18 6.63
CA HIS D 44 57.39 -17.69 3.82
CA ILE D 45 58.52 -14.12 3.18
CA CYS D 46 57.78 -10.80 4.87
CA PRO D 47 56.33 -8.31 2.30
CA ASN D 48 57.58 -5.06 3.87
CA CYS D 49 61.19 -6.17 3.84
CA GLY D 50 61.72 -9.74 2.65
CA TYR D 51 63.88 -11.34 5.34
CA TYR D 52 64.46 -15.00 6.18
CA ASP D 53 67.74 -14.67 8.06
CA GLY D 54 68.85 -11.83 5.82
CA ARG D 55 67.29 -9.79 3.04
CA GLN D 56 66.13 -11.70 -0.05
CA VAL D 57 63.48 -10.66 -2.61
CA LEU D 58 63.10 -6.95 -3.47
CA ALA D 59 60.16 -4.62 -2.84
#